data_8Q6Z
#
_entry.id   8Q6Z
#
_cell.length_a   98.076
_cell.length_b   98.076
_cell.length_c   94.280
_cell.angle_alpha   90.00
_cell.angle_beta   90.00
_cell.angle_gamma   120.00
#
_symmetry.space_group_name_H-M   'P 31 2 1'
#
loop_
_entity.id
_entity.type
_entity.pdbx_description
1 polymer GymB1
2 non-polymer 'PROTOPORPHYRIN IX CONTAINING FE'
3 non-polymer GLYCEROL
4 water water
#
_entity_poly.entity_id   1
_entity_poly.type   'polypeptide(L)'
_entity_poly.pdbx_seq_one_letter_code
;MTSTDTLLDFPFSPRGDQLPPEIEALRAEPVKRVRTIAGDPAWLVSSYALCKQVLEDPRFSLKDTSAPGVPRQYALTIPP
EVVNNMGNITGAGLRKAVLKAINPKTDGLTDWMRAHAATLVDDILDYGPPVDLRGRFTNPYAEHLHCRILGIPQADAPRL
AASLDIAFMNSACPITGARLNWDRDIAYMVDRLDDPATTGLMAELAALRGNPDYDHLTDEMLATVGVTMFGAGVISTMGF
LTMAIFSLIQHPDVWEQLRKAPEKIPAAVDELLRVNLSIADGLPRLALEDVRLGDVEVKKGELVLVLVEAANTDPAMFPD
PHTVDIDRANAGAHLSFGGGAHYCPATALGKKHAEIAIEVLLERMPGLRLAVPVEQLVWRTRFMKRIPERLPIAW
;
_entity_poly.pdbx_strand_id   A
#
# COMPACT_ATOMS: atom_id res chain seq x y z
N THR A 6 -8.24 -27.53 14.27
CA THR A 6 -6.80 -27.15 14.17
C THR A 6 -6.64 -25.67 14.53
N LEU A 7 -5.86 -24.91 13.75
CA LEU A 7 -5.45 -23.51 14.06
C LEU A 7 -6.55 -22.53 13.64
N LEU A 8 -6.58 -21.36 14.28
CA LEU A 8 -7.32 -20.15 13.84
C LEU A 8 -6.86 -19.76 12.44
N ASP A 9 -7.79 -19.58 11.50
CA ASP A 9 -7.49 -19.18 10.09
C ASP A 9 -7.20 -17.67 10.05
N PHE A 10 -6.21 -17.26 9.26
CA PHE A 10 -5.89 -15.84 8.97
C PHE A 10 -5.85 -15.67 7.46
N PRO A 11 -6.41 -14.61 6.85
CA PRO A 11 -7.00 -13.46 7.55
C PRO A 11 -8.43 -13.69 8.06
N PHE A 12 -9.07 -12.64 8.58
CA PHE A 12 -10.32 -12.74 9.38
C PHE A 12 -11.53 -12.32 8.55
N SER A 13 -11.47 -11.18 7.87
CA SER A 13 -12.63 -10.63 7.12
C SER A 13 -12.14 -9.66 6.05
N PRO A 14 -12.73 -9.71 4.84
CA PRO A 14 -12.48 -8.68 3.82
C PRO A 14 -13.23 -7.36 4.06
N ARG A 15 -14.17 -7.30 5.03
CA ARG A 15 -15.00 -6.09 5.25
C ARG A 15 -14.14 -5.01 5.90
N GLY A 16 -14.16 -3.79 5.35
CA GLY A 16 -13.32 -2.65 5.77
C GLY A 16 -14.11 -1.60 6.54
N ASP A 17 -15.29 -1.96 7.07
CA ASP A 17 -16.15 -0.99 7.79
C ASP A 17 -15.78 -1.00 9.28
N GLN A 18 -15.20 -2.09 9.78
CA GLN A 18 -14.88 -2.20 11.23
C GLN A 18 -13.70 -3.17 11.36
N LEU A 19 -12.97 -3.06 12.45
CA LEU A 19 -11.91 -4.01 12.85
C LEU A 19 -12.58 -5.39 13.00
N PRO A 20 -12.02 -6.47 12.44
CA PRO A 20 -12.57 -7.82 12.66
C PRO A 20 -12.69 -8.16 14.15
N PRO A 21 -13.77 -8.82 14.61
CA PRO A 21 -13.95 -9.09 16.05
C PRO A 21 -12.80 -9.95 16.64
N GLU A 22 -12.19 -10.80 15.81
CA GLU A 22 -11.05 -11.69 16.18
C GLU A 22 -9.90 -10.93 16.84
N ILE A 23 -9.70 -9.65 16.52
CA ILE A 23 -8.55 -8.85 17.06
C ILE A 23 -8.62 -8.87 18.59
N GLU A 24 -9.80 -8.65 19.16
CA GLU A 24 -9.98 -8.57 20.64
C GLU A 24 -9.38 -9.82 21.31
N ALA A 25 -9.70 -11.02 20.85
CA ALA A 25 -9.20 -12.27 21.49
C ALA A 25 -7.67 -12.39 21.32
N LEU A 26 -7.03 -11.76 20.33
CA LEU A 26 -5.56 -11.81 20.13
C LEU A 26 -4.82 -11.04 21.23
N ARG A 27 -5.48 -10.10 21.92
CA ARG A 27 -4.87 -9.25 22.99
C ARG A 27 -4.30 -10.13 24.10
N ALA A 28 -4.96 -11.24 24.47
CA ALA A 28 -4.49 -12.20 25.49
C ALA A 28 -3.37 -13.11 24.94
N GLU A 29 -3.08 -13.05 23.64
CA GLU A 29 -2.14 -13.97 22.95
C GLU A 29 -1.45 -13.21 21.81
N PRO A 30 -0.61 -12.22 22.16
CA PRO A 30 -0.08 -11.27 21.17
C PRO A 30 0.88 -11.91 20.16
N VAL A 31 1.32 -13.15 20.43
CA VAL A 31 1.94 -14.02 19.40
C VAL A 31 1.11 -15.31 19.33
N LYS A 32 0.39 -15.53 18.23
CA LYS A 32 -0.51 -16.71 18.12
C LYS A 32 -0.27 -17.46 16.81
N ARG A 33 -0.28 -18.79 16.90
CA ARG A 33 -0.17 -19.66 15.70
C ARG A 33 -1.47 -19.55 14.92
N VAL A 34 -1.36 -19.33 13.62
CA VAL A 34 -2.52 -19.26 12.68
C VAL A 34 -2.20 -20.16 11.48
N ARG A 35 -3.24 -20.58 10.76
CA ARG A 35 -3.15 -21.23 9.43
C ARG A 35 -3.38 -20.14 8.38
N THR A 36 -2.45 -19.99 7.44
CA THR A 36 -2.48 -18.97 6.37
C THR A 36 -3.31 -19.47 5.18
N ILE A 37 -3.60 -18.57 4.24
CA ILE A 37 -4.31 -18.83 2.95
C ILE A 37 -3.60 -19.99 2.23
N ALA A 38 -2.27 -20.03 2.22
CA ALA A 38 -1.47 -21.10 1.58
C ALA A 38 -1.64 -22.42 2.34
N GLY A 39 -2.21 -22.40 3.55
CA GLY A 39 -2.44 -23.58 4.39
C GLY A 39 -1.22 -23.85 5.28
N ASP A 40 -0.36 -22.87 5.51
CA ASP A 40 0.90 -23.07 6.28
C ASP A 40 0.74 -22.48 7.69
N PRO A 41 1.48 -23.01 8.68
CA PRO A 41 1.54 -22.39 10.00
C PRO A 41 2.30 -21.04 9.93
N ALA A 42 1.87 -20.08 10.75
CA ALA A 42 2.56 -18.80 10.97
C ALA A 42 2.27 -18.29 12.39
N TRP A 43 3.15 -17.42 12.90
CA TRP A 43 2.97 -16.64 14.15
C TRP A 43 2.35 -15.28 13.82
N LEU A 44 1.13 -15.01 14.26
CA LEU A 44 0.45 -13.70 14.07
C LEU A 44 0.77 -12.83 15.28
N VAL A 45 1.43 -11.69 15.05
CA VAL A 45 1.90 -10.77 16.11
C VAL A 45 1.00 -9.54 16.08
N SER A 46 0.42 -9.16 17.23
CA SER A 46 -0.70 -8.18 17.27
C SER A 46 -0.49 -7.04 18.26
N SER A 47 0.51 -7.09 19.15
CA SER A 47 0.81 -5.98 20.10
C SER A 47 1.77 -5.02 19.42
N TYR A 48 1.66 -3.73 19.74
CA TYR A 48 2.53 -2.68 19.15
C TYR A 48 4.01 -3.00 19.46
N ALA A 49 4.36 -3.29 20.71
CA ALA A 49 5.77 -3.51 21.14
C ALA A 49 6.38 -4.68 20.35
N LEU A 50 5.65 -5.79 20.21
CA LEU A 50 6.21 -7.00 19.54
C LEU A 50 6.25 -6.80 18.01
N CYS A 51 5.26 -6.11 17.42
CA CYS A 51 5.28 -5.79 15.97
C CYS A 51 6.53 -4.92 15.69
N LYS A 52 6.75 -3.87 16.48
CA LYS A 52 7.91 -2.95 16.31
C LYS A 52 9.20 -3.78 16.39
N GLN A 53 9.26 -4.67 17.37
CA GLN A 53 10.46 -5.52 17.61
C GLN A 53 10.76 -6.35 16.35
N VAL A 54 9.74 -7.00 15.77
CA VAL A 54 9.92 -7.87 14.57
C VAL A 54 10.41 -7.00 13.41
N LEU A 55 9.82 -5.82 13.21
CA LEU A 55 10.15 -4.95 12.06
C LEU A 55 11.60 -4.47 12.19
N GLU A 56 12.12 -4.30 13.40
CA GLU A 56 13.44 -3.63 13.62
C GLU A 56 14.58 -4.65 13.79
N ASP A 57 14.28 -5.94 13.83
CA ASP A 57 15.27 -6.98 14.23
C ASP A 57 15.68 -7.75 12.98
N PRO A 58 16.96 -7.71 12.57
CA PRO A 58 17.43 -8.45 11.40
C PRO A 58 17.43 -9.99 11.52
N ARG A 59 17.06 -10.55 12.67
CA ARG A 59 16.71 -12.00 12.75
C ARG A 59 15.41 -12.28 12.00
N PHE A 60 14.56 -11.27 11.74
CA PHE A 60 13.29 -11.45 10.99
C PHE A 60 13.50 -10.91 9.56
N SER A 61 13.65 -11.80 8.59
CA SER A 61 14.04 -11.49 7.18
C SER A 61 12.82 -11.38 6.28
N LEU A 62 12.75 -10.28 5.51
CA LEU A 62 11.78 -10.14 4.39
C LEU A 62 12.22 -10.97 3.19
N LYS A 63 13.48 -10.84 2.76
CA LYS A 63 14.07 -11.56 1.59
C LYS A 63 13.75 -13.06 1.70
N ASP A 64 13.94 -13.68 2.86
CA ASP A 64 13.89 -15.16 3.02
C ASP A 64 12.43 -15.64 2.93
N THR A 65 11.40 -14.78 2.97
CA THR A 65 9.99 -15.21 2.80
C THR A 65 9.71 -15.73 1.38
N SER A 66 10.58 -15.43 0.40
CA SER A 66 10.44 -15.84 -1.02
C SER A 66 11.34 -17.04 -1.36
N ALA A 67 12.11 -17.56 -0.40
CA ALA A 67 13.00 -18.72 -0.64
C ALA A 67 12.11 -19.92 -0.95
N PRO A 68 12.62 -20.94 -1.69
CA PRO A 68 11.79 -22.08 -2.06
C PRO A 68 11.60 -23.00 -0.85
N GLY A 69 10.38 -23.51 -0.69
CA GLY A 69 10.02 -24.52 0.32
C GLY A 69 9.66 -23.92 1.67
N VAL A 70 9.72 -22.59 1.86
CA VAL A 70 9.45 -21.98 3.21
C VAL A 70 7.94 -21.89 3.39
N PRO A 71 7.43 -21.79 4.64
CA PRO A 71 6.02 -21.50 4.87
C PRO A 71 5.64 -20.12 4.29
N ARG A 72 4.48 -20.05 3.64
CA ARG A 72 4.02 -18.85 2.92
C ARG A 72 2.68 -18.37 3.48
N GLN A 73 2.42 -17.07 3.35
CA GLN A 73 1.10 -16.46 3.68
C GLN A 73 0.11 -16.84 2.56
N TYR A 74 0.58 -16.72 1.32
CA TYR A 74 -0.18 -16.96 0.07
C TYR A 74 0.83 -17.09 -1.07
N ALA A 75 0.36 -17.43 -2.26
CA ALA A 75 1.21 -17.78 -3.42
C ALA A 75 1.78 -16.48 -3.99
N LEU A 76 3.03 -16.53 -4.47
CA LEU A 76 3.67 -15.40 -5.19
C LEU A 76 2.92 -15.19 -6.51
N THR A 77 2.75 -13.94 -6.92
CA THR A 77 2.22 -13.55 -8.24
C THR A 77 3.37 -13.00 -9.10
N ILE A 78 4.57 -12.95 -8.53
CA ILE A 78 5.77 -12.24 -9.06
C ILE A 78 6.92 -13.25 -9.08
N PRO A 79 7.97 -13.15 -9.94
CA PRO A 79 9.15 -14.01 -9.76
C PRO A 79 9.75 -13.89 -8.35
N PRO A 80 10.38 -14.95 -7.80
CA PRO A 80 10.82 -14.91 -6.40
C PRO A 80 11.77 -13.76 -6.04
N GLU A 81 12.69 -13.40 -6.94
CA GLU A 81 13.81 -12.43 -6.73
C GLU A 81 13.28 -11.01 -6.49
N VAL A 82 12.02 -10.73 -6.83
CA VAL A 82 11.43 -9.36 -6.77
C VAL A 82 10.77 -9.13 -5.40
N VAL A 83 10.68 -10.14 -4.52
CA VAL A 83 10.21 -9.92 -3.11
C VAL A 83 11.16 -8.93 -2.42
N ASN A 84 12.46 -9.00 -2.70
CA ASN A 84 13.49 -8.06 -2.16
C ASN A 84 13.81 -7.01 -3.23
N ASN A 85 12.77 -6.41 -3.84
CA ASN A 85 12.86 -5.47 -5.00
C ASN A 85 13.76 -4.27 -4.67
N MET A 86 13.52 -3.60 -3.54
CA MET A 86 14.21 -2.33 -3.14
C MET A 86 15.70 -2.61 -2.92
N GLY A 87 16.04 -3.79 -2.39
CA GLY A 87 17.43 -4.26 -2.22
C GLY A 87 18.12 -4.59 -3.55
N ASN A 88 17.41 -5.20 -4.51
CA ASN A 88 17.95 -5.53 -5.87
C ASN A 88 18.16 -4.21 -6.62
N ILE A 89 17.24 -3.27 -6.41
CA ILE A 89 17.30 -1.86 -6.91
C ILE A 89 18.57 -1.20 -6.35
N THR A 90 18.73 -1.13 -5.03
CA THR A 90 19.94 -0.52 -4.40
C THR A 90 21.21 -1.24 -4.88
N GLY A 91 21.23 -2.57 -4.85
CA GLY A 91 22.39 -3.41 -5.27
C GLY A 91 22.86 -3.10 -6.67
N ALA A 92 21.95 -2.69 -7.55
CA ALA A 92 22.19 -2.43 -8.99
C ALA A 92 22.65 -0.97 -9.25
N GLY A 93 22.65 -0.07 -8.26
CA GLY A 93 23.17 1.31 -8.35
C GLY A 93 22.12 2.36 -8.71
N LEU A 94 20.84 1.99 -8.68
CA LEU A 94 19.68 2.77 -9.19
C LEU A 94 18.91 3.45 -8.05
N ARG A 95 19.34 3.25 -6.80
CA ARG A 95 18.61 3.76 -5.60
C ARG A 95 18.41 5.28 -5.77
N LYS A 96 19.44 5.97 -6.26
CA LYS A 96 19.48 7.45 -6.38
C LYS A 96 18.35 7.88 -7.34
N ALA A 97 18.32 7.29 -8.54
CA ALA A 97 17.33 7.52 -9.60
C ALA A 97 15.93 7.26 -9.02
N VAL A 98 15.76 6.13 -8.32
CA VAL A 98 14.43 5.72 -7.78
C VAL A 98 13.99 6.74 -6.73
N LEU A 99 14.85 7.07 -5.77
CA LEU A 99 14.52 7.99 -4.64
C LEU A 99 14.22 9.39 -5.20
N LYS A 100 14.92 9.81 -6.25
CA LYS A 100 14.60 11.10 -6.91
C LYS A 100 13.18 11.09 -7.48
N ALA A 101 12.81 10.06 -8.25
CA ALA A 101 11.51 10.00 -8.96
C ALA A 101 10.33 10.04 -7.97
N ILE A 102 10.47 9.48 -6.77
CA ILE A 102 9.35 9.41 -5.77
C ILE A 102 9.42 10.57 -4.76
N ASN A 103 10.40 11.45 -4.85
CA ASN A 103 10.51 12.65 -3.98
C ASN A 103 9.42 13.61 -4.43
N PRO A 104 8.47 14.00 -3.56
CA PRO A 104 7.40 14.92 -3.95
C PRO A 104 7.92 16.31 -4.35
N LYS A 105 9.19 16.65 -4.08
CA LYS A 105 9.74 17.97 -4.46
C LYS A 105 10.37 17.90 -5.86
N THR A 106 10.46 16.72 -6.49
CA THR A 106 11.11 16.55 -7.82
C THR A 106 10.19 17.09 -8.92
N ASP A 107 10.70 17.98 -9.78
CA ASP A 107 10.06 18.42 -11.05
C ASP A 107 8.61 18.86 -10.81
N GLY A 108 8.34 19.60 -9.75
CA GLY A 108 7.02 20.18 -9.41
C GLY A 108 5.95 19.11 -9.19
N LEU A 109 6.33 17.95 -8.66
CA LEU A 109 5.36 16.85 -8.46
C LEU A 109 4.25 17.28 -7.49
N THR A 110 4.56 17.99 -6.41
CA THR A 110 3.53 18.44 -5.44
C THR A 110 2.51 19.36 -6.14
N ASP A 111 2.99 20.37 -6.87
CA ASP A 111 2.15 21.29 -7.68
C ASP A 111 1.30 20.52 -8.69
N TRP A 112 1.87 19.49 -9.36
CA TRP A 112 1.14 18.66 -10.35
C TRP A 112 -0.01 17.91 -9.67
N MET A 113 0.21 17.35 -8.47
CA MET A 113 -0.84 16.58 -7.74
C MET A 113 -2.00 17.50 -7.37
N ARG A 114 -1.73 18.70 -6.85
CA ARG A 114 -2.78 19.70 -6.49
C ARG A 114 -3.59 20.05 -7.74
N ALA A 115 -2.91 20.32 -8.85
CA ALA A 115 -3.52 20.76 -10.13
C ALA A 115 -4.38 19.63 -10.69
N HIS A 116 -3.84 18.41 -10.75
CA HIS A 116 -4.54 17.26 -11.39
C HIS A 116 -5.70 16.82 -10.50
N ALA A 117 -5.57 16.89 -9.17
CA ALA A 117 -6.68 16.52 -8.29
C ALA A 117 -7.85 17.47 -8.57
N ALA A 118 -7.58 18.76 -8.78
CA ALA A 118 -8.60 19.80 -9.07
C ALA A 118 -9.36 19.42 -10.34
N THR A 119 -8.62 19.02 -11.38
CA THR A 119 -9.19 18.59 -12.69
C THR A 119 -10.12 17.40 -12.51
N LEU A 120 -9.67 16.32 -11.85
CA LEU A 120 -10.46 15.08 -11.64
C LEU A 120 -11.73 15.38 -10.83
N VAL A 121 -11.63 16.17 -9.78
CA VAL A 121 -12.83 16.51 -8.96
C VAL A 121 -13.77 17.41 -9.79
N ASP A 122 -13.26 18.38 -10.58
CA ASP A 122 -14.18 19.22 -11.40
C ASP A 122 -14.93 18.33 -12.39
N ASP A 123 -14.26 17.34 -12.99
CA ASP A 123 -14.90 16.43 -13.97
C ASP A 123 -16.05 15.70 -13.27
N ILE A 124 -15.85 15.27 -12.02
CA ILE A 124 -16.91 14.62 -11.20
C ILE A 124 -18.05 15.60 -10.93
N LEU A 125 -17.73 16.84 -10.55
CA LEU A 125 -18.71 17.90 -10.21
C LEU A 125 -19.58 18.17 -11.45
N ASP A 126 -18.97 18.18 -12.63
CA ASP A 126 -19.66 18.45 -13.92
C ASP A 126 -20.68 17.33 -14.16
N TYR A 127 -20.38 16.07 -13.83
CA TYR A 127 -21.28 14.92 -14.12
C TYR A 127 -22.46 14.92 -13.14
N GLY A 128 -22.22 15.35 -11.91
CA GLY A 128 -23.22 15.41 -10.83
C GLY A 128 -23.28 14.08 -10.07
N PRO A 129 -23.95 14.04 -8.90
CA PRO A 129 -23.98 12.82 -8.10
C PRO A 129 -25.08 11.83 -8.48
N PRO A 130 -24.92 10.54 -8.13
CA PRO A 130 -23.71 10.04 -7.48
C PRO A 130 -22.60 9.67 -8.47
N VAL A 131 -21.38 9.48 -7.96
CA VAL A 131 -20.31 8.79 -8.73
C VAL A 131 -19.60 7.79 -7.83
N ASP A 132 -18.92 6.86 -8.49
CA ASP A 132 -17.96 5.94 -7.86
C ASP A 132 -16.66 6.72 -7.62
N LEU A 133 -16.37 7.08 -6.37
CA LEU A 133 -15.16 7.87 -6.06
C LEU A 133 -13.89 7.07 -6.39
N ARG A 134 -13.95 5.75 -6.31
CA ARG A 134 -12.75 4.93 -6.56
C ARG A 134 -12.46 4.96 -8.06
N GLY A 135 -13.44 4.57 -8.87
CA GLY A 135 -13.28 4.52 -10.33
C GLY A 135 -12.95 5.88 -10.91
N ARG A 136 -13.54 6.96 -10.39
CA ARG A 136 -13.49 8.31 -11.01
C ARG A 136 -12.48 9.23 -10.32
N PHE A 137 -11.97 8.92 -9.13
CA PHE A 137 -10.97 9.79 -8.44
C PHE A 137 -9.75 9.02 -7.92
N THR A 138 -9.87 8.13 -6.94
CA THR A 138 -8.69 7.49 -6.31
C THR A 138 -7.90 6.62 -7.30
N ASN A 139 -8.57 5.89 -8.21
CA ASN A 139 -7.88 5.11 -9.28
C ASN A 139 -7.05 6.08 -10.14
N PRO A 140 -7.64 7.03 -10.90
CA PRO A 140 -6.84 7.87 -11.80
C PRO A 140 -5.79 8.73 -11.08
N TYR A 141 -6.12 9.25 -9.91
CA TYR A 141 -5.20 10.10 -9.12
C TYR A 141 -3.93 9.29 -8.81
N ALA A 142 -4.10 8.05 -8.36
CA ALA A 142 -3.00 7.10 -8.05
C ALA A 142 -2.26 6.70 -9.34
N GLU A 143 -2.99 6.27 -10.37
CA GLU A 143 -2.41 5.73 -11.64
C GLU A 143 -1.68 6.85 -12.38
N HIS A 144 -2.26 8.05 -12.43
CA HIS A 144 -1.67 9.17 -13.19
C HIS A 144 -0.42 9.66 -12.48
N LEU A 145 -0.40 9.63 -11.15
CA LEU A 145 0.81 10.02 -10.38
C LEU A 145 1.98 9.12 -10.84
N HIS A 146 1.73 7.81 -10.92
CA HIS A 146 2.74 6.77 -11.23
C HIS A 146 3.15 6.84 -12.71
N CYS A 147 2.24 7.16 -13.64
CA CYS A 147 2.60 7.49 -15.03
C CYS A 147 3.54 8.71 -15.04
N ARG A 148 3.26 9.76 -14.28
CA ARG A 148 4.14 10.96 -14.30
C ARG A 148 5.52 10.59 -13.73
N ILE A 149 5.58 9.92 -12.57
CA ILE A 149 6.86 9.52 -11.92
C ILE A 149 7.68 8.69 -12.92
N LEU A 150 7.05 7.70 -13.54
CA LEU A 150 7.73 6.77 -14.50
C LEU A 150 8.06 7.46 -15.82
N GLY A 151 7.38 8.55 -16.22
CA GLY A 151 7.68 9.22 -17.51
C GLY A 151 6.99 8.57 -18.70
N ILE A 152 5.90 7.85 -18.47
CA ILE A 152 5.11 7.13 -19.52
C ILE A 152 3.77 7.84 -19.70
N PRO A 153 3.06 7.60 -20.82
CA PRO A 153 1.86 8.38 -21.12
C PRO A 153 0.75 8.09 -20.12
N GLN A 154 0.10 9.16 -19.67
CA GLN A 154 -1.11 9.05 -18.83
C GLN A 154 -2.10 8.11 -19.52
N ALA A 155 -2.22 8.14 -20.85
CA ALA A 155 -3.21 7.36 -21.62
C ALA A 155 -2.96 5.85 -21.46
N ASP A 156 -1.78 5.42 -21.00
CA ASP A 156 -1.45 3.99 -20.82
C ASP A 156 -1.81 3.49 -19.42
N ALA A 157 -2.23 4.37 -18.51
CA ALA A 157 -2.63 3.97 -17.14
C ALA A 157 -3.60 2.79 -17.16
N PRO A 158 -4.67 2.79 -17.99
CA PRO A 158 -5.64 1.69 -18.00
C PRO A 158 -5.08 0.28 -18.25
N ARG A 159 -4.19 0.09 -19.23
CA ARG A 159 -3.59 -1.26 -19.48
C ARG A 159 -2.75 -1.71 -18.26
N LEU A 160 -2.00 -0.81 -17.64
CA LEU A 160 -1.15 -1.18 -16.48
C LEU A 160 -2.01 -1.42 -15.24
N ALA A 161 -3.04 -0.61 -14.99
CA ALA A 161 -3.91 -0.78 -13.80
C ALA A 161 -4.73 -2.07 -13.91
N ALA A 162 -5.13 -2.50 -15.11
CA ALA A 162 -5.95 -3.72 -15.31
C ALA A 162 -5.25 -4.97 -14.77
N SER A 163 -3.91 -4.99 -14.69
CA SER A 163 -3.11 -6.09 -14.09
C SER A 163 -3.31 -6.23 -12.59
N LEU A 164 -3.61 -5.14 -11.88
CA LEU A 164 -3.43 -5.10 -10.41
C LEU A 164 -4.52 -5.89 -9.69
N ASP A 165 -5.66 -6.11 -10.34
CA ASP A 165 -6.79 -6.90 -9.77
C ASP A 165 -6.34 -8.36 -9.58
N ILE A 166 -5.38 -8.83 -10.37
CA ILE A 166 -4.80 -10.19 -10.20
C ILE A 166 -3.47 -10.11 -9.43
N ALA A 167 -2.61 -9.14 -9.73
CA ALA A 167 -1.22 -9.07 -9.19
C ALA A 167 -1.27 -9.08 -7.65
N PHE A 168 -2.26 -8.43 -7.03
CA PHE A 168 -2.30 -8.31 -5.55
C PHE A 168 -3.33 -9.26 -4.96
N MET A 169 -3.75 -10.30 -5.69
CA MET A 169 -4.59 -11.37 -5.12
C MET A 169 -3.78 -12.09 -4.03
N ASN A 170 -4.48 -12.58 -3.02
CA ASN A 170 -3.91 -13.39 -1.91
C ASN A 170 -4.58 -14.75 -2.04
N SER A 171 -3.96 -15.63 -2.82
CA SER A 171 -4.49 -16.91 -3.33
C SER A 171 -3.70 -18.08 -2.73
N ALA A 172 -4.42 -19.15 -2.41
CA ALA A 172 -3.87 -20.47 -2.01
C ALA A 172 -3.00 -21.04 -3.15
N CYS A 173 -3.30 -20.73 -4.41
CA CYS A 173 -2.66 -21.41 -5.57
C CYS A 173 -2.04 -20.39 -6.52
N PRO A 174 -1.01 -20.79 -7.29
CA PRO A 174 -0.48 -19.93 -8.35
C PRO A 174 -1.61 -19.50 -9.29
N ILE A 175 -1.47 -18.31 -9.88
CA ILE A 175 -2.52 -17.71 -10.76
C ILE A 175 -1.95 -17.58 -12.18
N THR A 176 -2.48 -18.32 -13.15
CA THR A 176 -1.96 -18.35 -14.54
C THR A 176 -2.01 -16.93 -15.12
N GLY A 177 -3.06 -16.16 -14.80
CA GLY A 177 -3.18 -14.78 -15.31
C GLY A 177 -2.05 -13.86 -14.88
N ALA A 178 -1.48 -14.09 -13.69
CA ALA A 178 -0.47 -13.20 -13.09
C ALA A 178 0.79 -13.25 -13.94
N ARG A 179 1.20 -14.44 -14.38
CA ARG A 179 2.42 -14.63 -15.21
C ARG A 179 2.19 -13.97 -16.58
N LEU A 180 1.03 -14.15 -17.21
CA LEU A 180 0.72 -13.52 -18.53
C LEU A 180 0.74 -11.99 -18.41
N ASN A 181 0.08 -11.42 -17.40
CA ASN A 181 0.09 -9.96 -17.15
C ASN A 181 1.53 -9.49 -16.91
N TRP A 182 2.31 -10.22 -16.09
CA TRP A 182 3.71 -9.84 -15.77
C TRP A 182 4.51 -9.72 -17.09
N ASP A 183 4.44 -10.73 -17.95
CA ASP A 183 5.23 -10.75 -19.21
C ASP A 183 4.79 -9.61 -20.13
N ARG A 184 3.48 -9.31 -20.17
CA ARG A 184 2.95 -8.24 -21.05
C ARG A 184 3.41 -6.87 -20.55
N ASP A 185 3.39 -6.62 -19.24
CA ASP A 185 3.74 -5.30 -18.64
C ASP A 185 5.25 -5.07 -18.77
N ILE A 186 6.04 -6.13 -18.57
CA ILE A 186 7.52 -6.10 -18.81
C ILE A 186 7.76 -5.71 -20.26
N ALA A 187 7.13 -6.39 -21.22
CA ALA A 187 7.35 -6.11 -22.67
C ALA A 187 6.96 -4.66 -22.94
N TYR A 188 5.88 -4.16 -22.36
CA TYR A 188 5.45 -2.75 -22.55
C TYR A 188 6.58 -1.83 -22.03
N MET A 189 7.07 -2.09 -20.81
CA MET A 189 8.06 -1.21 -20.12
C MET A 189 9.40 -1.25 -20.88
N VAL A 190 9.79 -2.39 -21.43
CA VAL A 190 11.00 -2.47 -22.28
C VAL A 190 10.81 -1.49 -23.46
N ASP A 191 9.65 -1.54 -24.12
CA ASP A 191 9.38 -0.67 -25.30
C ASP A 191 9.54 0.81 -24.90
N ARG A 192 9.18 1.21 -23.67
CA ARG A 192 9.25 2.62 -23.20
C ARG A 192 10.71 3.08 -23.07
N LEU A 193 11.67 2.17 -22.84
CA LEU A 193 13.11 2.53 -22.69
C LEU A 193 13.65 3.19 -23.95
N ASP A 194 13.31 2.67 -25.13
CA ASP A 194 13.79 3.14 -26.46
C ASP A 194 12.78 4.11 -27.11
N ASP A 195 11.65 4.37 -26.48
CA ASP A 195 10.61 5.32 -26.99
C ASP A 195 11.16 6.73 -26.77
N PRO A 196 11.30 7.53 -27.86
CA PRO A 196 11.72 8.93 -27.72
C PRO A 196 10.81 9.80 -26.83
N ALA A 197 9.55 9.41 -26.59
CA ALA A 197 8.56 10.19 -25.80
C ALA A 197 8.78 10.02 -24.29
N THR A 198 9.43 8.93 -23.88
CA THR A 198 9.58 8.55 -22.47
C THR A 198 10.41 9.62 -21.75
N THR A 199 10.00 9.99 -20.53
CA THR A 199 10.72 10.96 -19.66
C THR A 199 10.94 10.26 -18.31
N GLY A 200 11.05 11.04 -17.23
CA GLY A 200 10.98 10.60 -15.82
C GLY A 200 11.95 9.50 -15.47
N LEU A 201 11.54 8.60 -14.58
CA LEU A 201 12.42 7.51 -14.07
C LEU A 201 12.84 6.60 -15.23
N MET A 202 11.92 6.19 -16.10
CA MET A 202 12.25 5.20 -17.15
C MET A 202 13.26 5.80 -18.15
N ALA A 203 13.25 7.12 -18.37
CA ALA A 203 14.22 7.77 -19.28
C ALA A 203 15.60 7.84 -18.61
N GLU A 204 15.64 8.09 -17.29
CA GLU A 204 16.92 8.08 -16.53
C GLU A 204 17.48 6.66 -16.51
N LEU A 205 16.65 5.63 -16.29
CA LEU A 205 17.09 4.21 -16.26
C LEU A 205 17.62 3.81 -17.64
N ALA A 206 16.92 4.17 -18.73
CA ALA A 206 17.37 3.89 -20.11
C ALA A 206 18.78 4.46 -20.34
N ALA A 207 19.03 5.70 -19.88
CA ALA A 207 20.27 6.46 -20.13
C ALA A 207 21.47 5.77 -19.46
N LEU A 208 21.26 5.01 -18.39
CA LEU A 208 22.34 4.28 -17.69
C LEU A 208 22.91 3.17 -18.59
N ARG A 209 22.16 2.64 -19.56
CA ARG A 209 22.67 1.56 -20.44
C ARG A 209 23.82 2.11 -21.28
N GLY A 210 24.88 1.33 -21.49
CA GLY A 210 26.06 1.77 -22.25
C GLY A 210 27.09 2.45 -21.35
N ASN A 211 26.63 3.17 -20.31
CA ASN A 211 27.46 3.58 -19.15
C ASN A 211 28.15 2.34 -18.61
N PRO A 212 29.49 2.21 -18.78
CA PRO A 212 30.19 0.94 -18.52
C PRO A 212 29.77 0.25 -17.20
N ASP A 213 29.76 1.02 -16.10
CA ASP A 213 29.34 0.64 -14.73
C ASP A 213 28.05 -0.20 -14.69
N TYR A 214 27.14 -0.02 -15.64
CA TYR A 214 25.78 -0.59 -15.59
C TYR A 214 25.56 -1.59 -16.74
N ASP A 215 26.61 -2.24 -17.24
CA ASP A 215 26.48 -3.24 -18.34
C ASP A 215 25.76 -4.49 -17.80
N HIS A 216 25.72 -4.68 -16.48
CA HIS A 216 24.99 -5.78 -15.79
C HIS A 216 23.46 -5.57 -15.86
N LEU A 217 22.98 -4.36 -16.14
CA LEU A 217 21.52 -4.05 -16.15
C LEU A 217 20.92 -4.35 -17.52
N THR A 218 20.14 -5.42 -17.64
CA THR A 218 19.40 -5.81 -18.87
C THR A 218 18.17 -4.93 -19.00
N ASP A 219 17.58 -4.90 -20.20
CA ASP A 219 16.30 -4.20 -20.49
C ASP A 219 15.22 -4.75 -19.54
N GLU A 220 15.11 -6.07 -19.37
CA GLU A 220 14.10 -6.73 -18.49
C GLU A 220 14.25 -6.24 -17.05
N MET A 221 15.48 -6.09 -16.56
CA MET A 221 15.77 -5.64 -15.17
C MET A 221 15.32 -4.19 -15.02
N LEU A 222 15.59 -3.30 -15.98
CA LEU A 222 15.11 -1.90 -15.89
C LEU A 222 13.57 -1.89 -15.94
N ALA A 223 12.97 -2.67 -16.85
CA ALA A 223 11.51 -2.82 -16.98
C ALA A 223 10.89 -3.30 -15.67
N THR A 224 11.55 -4.19 -14.92
CA THR A 224 11.11 -4.73 -13.61
C THR A 224 10.94 -3.55 -12.63
N VAL A 225 11.84 -2.58 -12.66
CA VAL A 225 11.76 -1.40 -11.75
C VAL A 225 10.47 -0.64 -12.05
N GLY A 226 10.19 -0.32 -13.32
CA GLY A 226 8.95 0.38 -13.71
C GLY A 226 7.71 -0.38 -13.30
N VAL A 227 7.65 -1.67 -13.62
CA VAL A 227 6.44 -2.50 -13.40
C VAL A 227 6.16 -2.58 -11.91
N THR A 228 7.18 -2.83 -11.09
CA THR A 228 6.99 -3.07 -9.63
C THR A 228 6.69 -1.73 -8.96
N MET A 229 7.32 -0.64 -9.39
CA MET A 229 7.06 0.71 -8.82
C MET A 229 5.59 1.05 -9.10
N PHE A 230 5.13 0.89 -10.34
CA PHE A 230 3.72 1.20 -10.70
C PHE A 230 2.78 0.39 -9.82
N GLY A 231 2.93 -0.93 -9.82
CA GLY A 231 2.05 -1.85 -9.06
C GLY A 231 1.97 -1.51 -7.58
N ALA A 232 3.12 -1.53 -6.89
CA ALA A 232 3.19 -1.30 -5.43
C ALA A 232 2.66 0.11 -5.13
N GLY A 233 3.11 1.10 -5.89
CA GLY A 233 2.79 2.52 -5.65
C GLY A 233 1.30 2.79 -5.83
N VAL A 234 0.72 2.30 -6.91
CA VAL A 234 -0.72 2.53 -7.22
C VAL A 234 -1.58 1.77 -6.22
N ILE A 235 -1.28 0.49 -5.96
CA ILE A 235 -2.18 -0.29 -5.05
C ILE A 235 -2.16 0.36 -3.66
N SER A 236 -1.00 0.84 -3.21
CA SER A 236 -0.83 1.46 -1.88
C SER A 236 -1.53 2.82 -1.82
N THR A 237 -1.27 3.72 -2.76
CA THR A 237 -1.86 5.09 -2.76
C THR A 237 -3.38 4.99 -2.98
N MET A 238 -3.85 4.20 -3.94
CA MET A 238 -5.29 4.03 -4.21
C MET A 238 -5.95 3.38 -2.99
N GLY A 239 -5.35 2.31 -2.45
CA GLY A 239 -5.92 1.52 -1.35
C GLY A 239 -6.08 2.35 -0.09
N PHE A 240 -5.00 3.03 0.30
CA PHE A 240 -4.99 3.89 1.50
C PHE A 240 -5.96 5.05 1.29
N LEU A 241 -5.81 5.79 0.20
CA LEU A 241 -6.60 7.03 0.01
C LEU A 241 -8.09 6.67 -0.04
N THR A 242 -8.46 5.58 -0.71
CA THR A 242 -9.88 5.14 -0.81
C THR A 242 -10.41 4.93 0.59
N MET A 243 -9.64 4.24 1.44
CA MET A 243 -10.10 3.86 2.79
C MET A 243 -9.92 5.01 3.78
N ALA A 244 -9.03 5.97 3.51
CA ALA A 244 -8.90 7.20 4.33
C ALA A 244 -10.16 8.05 4.10
N ILE A 245 -10.56 8.23 2.86
CA ILE A 245 -11.82 8.98 2.53
C ILE A 245 -13.01 8.24 3.15
N PHE A 246 -13.04 6.92 3.06
CA PHE A 246 -14.15 6.09 3.62
C PHE A 246 -14.21 6.31 5.13
N SER A 247 -13.06 6.29 5.80
CA SER A 247 -12.96 6.58 7.25
C SER A 247 -13.51 7.99 7.56
N LEU A 248 -13.21 9.01 6.75
CA LEU A 248 -13.75 10.38 6.95
C LEU A 248 -15.28 10.38 6.75
N ILE A 249 -15.80 9.56 5.83
CA ILE A 249 -17.27 9.40 5.62
C ILE A 249 -17.86 8.74 6.86
N GLN A 250 -17.14 7.77 7.46
CA GLN A 250 -17.60 7.07 8.70
C GLN A 250 -17.50 8.00 9.93
N HIS A 251 -16.68 9.05 9.89
CA HIS A 251 -16.43 9.96 11.03
C HIS A 251 -16.68 11.40 10.57
N PRO A 252 -17.96 11.78 10.28
CA PRO A 252 -18.26 13.11 9.76
C PRO A 252 -17.82 14.26 10.67
N ASP A 253 -17.77 14.05 12.00
CA ASP A 253 -17.21 15.04 12.96
C ASP A 253 -15.78 15.40 12.55
N VAL A 254 -14.96 14.43 12.11
CA VAL A 254 -13.54 14.66 11.72
C VAL A 254 -13.52 15.45 10.41
N TRP A 255 -14.35 15.06 9.44
CA TRP A 255 -14.49 15.77 8.14
C TRP A 255 -14.77 17.25 8.45
N GLU A 256 -15.64 17.49 9.43
CA GLU A 256 -16.08 18.85 9.82
C GLU A 256 -14.92 19.62 10.49
N GLN A 257 -14.13 18.97 11.35
CA GLN A 257 -12.93 19.61 11.96
C GLN A 257 -12.00 20.05 10.81
N LEU A 258 -11.81 19.24 9.78
CA LEU A 258 -10.83 19.58 8.72
C LEU A 258 -11.40 20.67 7.79
N ARG A 259 -12.72 20.72 7.58
CA ARG A 259 -13.39 21.80 6.80
C ARG A 259 -13.04 23.15 7.45
N LYS A 260 -13.11 23.26 8.79
CA LYS A 260 -12.80 24.51 9.53
C LYS A 260 -11.30 24.73 9.73
N ALA A 261 -10.50 23.67 9.81
CA ALA A 261 -9.05 23.77 10.10
C ALA A 261 -8.26 22.94 9.09
N PRO A 262 -8.06 23.41 7.83
CA PRO A 262 -7.33 22.63 6.83
C PRO A 262 -5.84 22.51 7.15
N GLU A 263 -5.29 23.39 7.99
CA GLU A 263 -3.88 23.31 8.44
C GLU A 263 -3.66 21.99 9.19
N LYS A 264 -4.73 21.38 9.70
CA LYS A 264 -4.65 20.10 10.48
C LYS A 264 -4.61 18.87 9.57
N ILE A 265 -4.75 19.05 8.25
CA ILE A 265 -4.79 17.92 7.28
C ILE A 265 -3.54 17.04 7.38
N PRO A 266 -2.28 17.53 7.37
CA PRO A 266 -1.11 16.65 7.53
C PRO A 266 -1.17 15.72 8.75
N ALA A 267 -1.47 16.26 9.92
CA ALA A 267 -1.63 15.49 11.17
C ALA A 267 -2.81 14.53 11.04
N ALA A 268 -3.91 14.95 10.38
CA ALA A 268 -5.09 14.09 10.18
C ALA A 268 -4.70 12.87 9.34
N VAL A 269 -3.79 13.02 8.39
CA VAL A 269 -3.37 11.89 7.51
C VAL A 269 -2.59 10.88 8.36
N ASP A 270 -1.81 11.35 9.33
CA ASP A 270 -1.10 10.42 10.27
C ASP A 270 -2.17 9.60 11.01
N GLU A 271 -3.24 10.25 11.50
CA GLU A 271 -4.26 9.56 12.33
C GLU A 271 -5.09 8.65 11.42
N LEU A 272 -5.25 8.97 10.13
CA LEU A 272 -5.94 8.08 9.16
C LEU A 272 -5.03 6.89 8.82
N LEU A 273 -3.71 7.12 8.66
CA LEU A 273 -2.77 6.00 8.47
C LEU A 273 -2.92 5.02 9.63
N ARG A 274 -3.13 5.51 10.84
CA ARG A 274 -3.23 4.65 12.05
C ARG A 274 -4.51 3.81 12.03
N VAL A 275 -5.67 4.36 11.66
CA VAL A 275 -6.96 3.66 11.89
C VAL A 275 -7.53 3.02 10.61
N ASN A 276 -7.03 3.37 9.42
CA ASN A 276 -7.67 2.89 8.17
C ASN A 276 -7.51 1.38 8.11
N LEU A 277 -8.43 0.74 7.42
CA LEU A 277 -8.52 -0.74 7.41
C LEU A 277 -8.16 -1.28 6.02
N SER A 278 -7.30 -0.60 5.27
CA SER A 278 -6.96 -0.99 3.87
C SER A 278 -6.05 -2.23 3.85
N ILE A 279 -5.35 -2.59 4.94
CA ILE A 279 -4.39 -3.73 4.88
C ILE A 279 -5.14 -5.01 5.22
N ALA A 280 -5.16 -5.98 4.29
CA ALA A 280 -5.94 -7.22 4.43
C ALA A 280 -5.04 -8.41 4.80
N ASP A 281 -3.72 -8.23 4.84
CA ASP A 281 -2.77 -9.34 5.11
C ASP A 281 -1.89 -8.97 6.31
N GLY A 282 -0.78 -9.69 6.51
CA GLY A 282 0.26 -9.37 7.52
C GLY A 282 1.58 -9.08 6.83
N LEU A 283 2.44 -8.28 7.44
CA LEU A 283 3.81 -8.04 6.93
C LEU A 283 4.60 -9.28 7.29
N PRO A 284 5.11 -10.01 6.27
CA PRO A 284 5.76 -11.31 6.48
C PRO A 284 7.26 -11.17 6.77
N ARG A 285 7.75 -12.04 7.67
CA ARG A 285 9.19 -12.18 7.96
C ARG A 285 9.46 -13.67 8.22
N LEU A 286 10.62 -14.15 7.75
CA LEU A 286 11.10 -15.50 8.12
C LEU A 286 12.15 -15.35 9.21
N ALA A 287 12.06 -16.16 10.26
CA ALA A 287 13.03 -16.17 11.36
C ALA A 287 14.34 -16.77 10.82
N LEU A 288 15.44 -16.03 10.90
CA LEU A 288 16.79 -16.53 10.54
C LEU A 288 17.34 -17.42 11.67
N GLU A 289 16.84 -17.23 12.89
CA GLU A 289 17.38 -17.87 14.13
C GLU A 289 16.21 -18.16 15.08
N ASP A 290 16.42 -19.01 16.07
CA ASP A 290 15.48 -19.18 17.21
C ASP A 290 15.51 -17.87 18.02
N VAL A 291 14.31 -17.28 18.20
CA VAL A 291 14.08 -15.98 18.91
C VAL A 291 12.92 -16.16 19.87
N ARG A 292 13.09 -15.74 21.13
CA ARG A 292 11.94 -15.56 22.04
C ARG A 292 11.26 -14.24 21.67
N LEU A 293 10.00 -14.30 21.25
CA LEU A 293 9.16 -13.11 20.91
C LEU A 293 7.91 -13.08 21.83
N GLY A 294 7.89 -12.13 22.79
CA GLY A 294 7.00 -12.18 23.97
C GLY A 294 7.15 -13.49 24.72
N ASP A 295 6.09 -14.30 24.79
CA ASP A 295 6.06 -15.58 25.52
C ASP A 295 6.32 -16.77 24.59
N VAL A 296 6.64 -16.53 23.30
CA VAL A 296 6.71 -17.63 22.30
C VAL A 296 8.16 -17.85 21.84
N GLU A 297 8.62 -19.10 21.89
CA GLU A 297 9.88 -19.53 21.25
C GLU A 297 9.60 -19.73 19.76
N VAL A 298 9.89 -18.71 18.95
CA VAL A 298 9.80 -18.80 17.46
C VAL A 298 11.05 -19.57 17.00
N LYS A 299 10.90 -20.56 16.13
CA LYS A 299 12.01 -21.40 15.62
C LYS A 299 12.53 -20.84 14.30
N LYS A 300 13.83 -21.00 14.06
CA LYS A 300 14.48 -20.77 12.75
C LYS A 300 13.59 -21.34 11.64
N GLY A 301 13.34 -20.58 10.57
CA GLY A 301 12.61 -21.04 9.38
C GLY A 301 11.11 -20.85 9.49
N GLU A 302 10.61 -20.32 10.61
CA GLU A 302 9.16 -20.12 10.80
C GLU A 302 8.77 -18.73 10.26
N LEU A 303 7.51 -18.65 9.83
CA LEU A 303 6.86 -17.45 9.27
C LEU A 303 6.21 -16.67 10.40
N VAL A 304 6.48 -15.37 10.44
CA VAL A 304 5.90 -14.38 11.39
C VAL A 304 5.11 -13.38 10.53
N LEU A 305 3.90 -13.03 10.97
CA LEU A 305 3.05 -12.02 10.29
C LEU A 305 2.78 -10.91 11.29
N VAL A 306 3.22 -9.69 10.95
CA VAL A 306 3.00 -8.43 11.70
C VAL A 306 1.60 -7.94 11.36
N LEU A 307 0.68 -7.92 12.33
CA LEU A 307 -0.71 -7.46 12.08
C LEU A 307 -0.81 -5.96 12.41
N VAL A 308 -0.65 -5.14 11.38
CA VAL A 308 -0.53 -3.66 11.52
C VAL A 308 -1.79 -3.11 12.18
N GLU A 309 -2.97 -3.59 11.79
CA GLU A 309 -4.23 -2.96 12.25
C GLU A 309 -4.43 -3.22 13.75
N ALA A 310 -3.86 -4.31 14.29
CA ALA A 310 -3.93 -4.64 15.74
C ALA A 310 -2.89 -3.79 16.48
N ALA A 311 -1.68 -3.68 15.93
CA ALA A 311 -0.59 -2.85 16.50
C ALA A 311 -1.07 -1.41 16.63
N ASN A 312 -1.66 -0.87 15.56
CA ASN A 312 -2.10 0.55 15.46
C ASN A 312 -3.28 0.86 16.41
N THR A 313 -3.93 -0.16 16.96
CA THR A 313 -5.05 -0.02 17.95
C THR A 313 -4.67 -0.69 19.27
N ASP A 314 -3.37 -0.86 19.54
CA ASP A 314 -2.89 -1.36 20.86
C ASP A 314 -3.08 -0.23 21.88
N PRO A 315 -3.97 -0.38 22.87
CA PRO A 315 -4.22 0.69 23.84
C PRO A 315 -2.99 0.96 24.72
N ALA A 316 -2.03 0.03 24.83
CA ALA A 316 -0.75 0.23 25.54
C ALA A 316 0.04 1.38 24.89
N MET A 317 -0.13 1.60 23.58
CA MET A 317 0.63 2.61 22.80
C MET A 317 -0.27 3.78 22.40
N PHE A 318 -1.53 3.50 22.03
CA PHE A 318 -2.54 4.51 21.60
C PHE A 318 -3.75 4.47 22.53
N PRO A 319 -3.72 5.11 23.71
CA PRO A 319 -4.85 5.05 24.64
C PRO A 319 -6.12 5.56 23.93
N ASP A 320 -7.28 5.00 24.26
CA ASP A 320 -8.55 5.28 23.56
C ASP A 320 -8.34 4.99 22.06
N PRO A 321 -7.94 3.75 21.69
CA PRO A 321 -7.42 3.46 20.34
C PRO A 321 -8.43 3.60 19.21
N HIS A 322 -9.72 3.43 19.49
CA HIS A 322 -10.81 3.45 18.46
C HIS A 322 -11.25 4.91 18.20
N THR A 323 -10.82 5.87 19.00
CA THR A 323 -11.14 7.31 18.78
C THR A 323 -10.23 7.85 17.67
N VAL A 324 -10.83 8.50 16.66
CA VAL A 324 -10.10 9.19 15.57
C VAL A 324 -9.84 10.61 16.04
N ASP A 325 -8.63 10.84 16.56
CA ASP A 325 -8.22 12.14 17.16
C ASP A 325 -7.10 12.68 16.27
N ILE A 326 -7.39 13.66 15.41
CA ILE A 326 -6.39 14.24 14.46
C ILE A 326 -5.31 15.00 15.23
N ASP A 327 -5.49 15.27 16.53
CA ASP A 327 -4.47 15.95 17.39
C ASP A 327 -3.71 14.89 18.22
N ARG A 328 -3.91 13.59 17.96
CA ARG A 328 -3.23 12.52 18.72
C ARG A 328 -1.72 12.72 18.54
N ALA A 329 -1.00 13.00 19.64
CA ALA A 329 0.42 13.40 19.64
C ALA A 329 1.30 12.33 18.97
N ASN A 330 1.04 11.04 19.19
CA ASN A 330 1.89 9.95 18.63
C ASN A 330 1.22 9.25 17.43
N ALA A 331 0.25 9.87 16.76
CA ALA A 331 -0.38 9.30 15.53
C ALA A 331 0.71 8.82 14.55
N GLY A 332 1.80 9.59 14.44
CA GLY A 332 2.94 9.35 13.53
C GLY A 332 3.68 8.04 13.81
N ALA A 333 3.45 7.39 14.96
CA ALA A 333 4.15 6.15 15.37
C ALA A 333 3.41 4.91 14.89
N HIS A 334 2.32 5.05 14.11
CA HIS A 334 1.59 3.92 13.48
C HIS A 334 2.60 3.05 12.69
N LEU A 335 2.27 1.77 12.47
CA LEU A 335 3.11 0.84 11.66
C LEU A 335 2.59 0.67 10.22
N SER A 336 1.79 1.60 9.69
CA SER A 336 1.18 1.44 8.34
C SER A 336 2.22 1.61 7.23
N PHE A 337 3.39 2.17 7.51
CA PHE A 337 4.51 2.23 6.53
C PHE A 337 5.59 1.22 6.91
N GLY A 338 5.28 0.28 7.81
CA GLY A 338 6.27 -0.68 8.33
C GLY A 338 7.26 -0.01 9.27
N GLY A 339 8.49 -0.52 9.31
CA GLY A 339 9.55 -0.02 10.20
C GLY A 339 10.85 -0.77 9.98
N GLY A 340 11.91 -0.42 10.72
CA GLY A 340 13.28 -0.94 10.57
C GLY A 340 13.79 -0.83 9.14
N ALA A 341 14.49 -1.85 8.65
CA ALA A 341 15.24 -1.84 7.38
C ALA A 341 14.32 -1.68 6.17
N HIS A 342 13.09 -2.19 6.23
CA HIS A 342 12.16 -2.19 5.06
C HIS A 342 11.05 -1.14 5.18
N TYR A 343 11.26 -0.08 5.99
CA TYR A 343 10.32 1.06 6.11
C TYR A 343 10.02 1.58 4.71
N CYS A 344 8.75 1.84 4.36
CA CYS A 344 8.38 2.43 3.05
C CYS A 344 9.33 3.58 2.70
N PRO A 345 9.97 3.58 1.51
CA PRO A 345 10.84 4.69 1.11
C PRO A 345 10.07 5.88 0.50
N ALA A 346 8.76 5.73 0.27
CA ALA A 346 7.92 6.70 -0.44
C ALA A 346 6.92 7.34 0.52
N THR A 347 7.22 7.40 1.83
CA THR A 347 6.27 7.91 2.84
C THR A 347 6.01 9.39 2.58
N ALA A 348 7.02 10.18 2.17
CA ALA A 348 6.80 11.62 1.92
C ALA A 348 5.74 11.73 0.81
N LEU A 349 5.84 10.91 -0.24
CA LEU A 349 4.92 10.98 -1.42
C LEU A 349 3.54 10.45 -1.03
N GLY A 350 3.48 9.32 -0.34
CA GLY A 350 2.21 8.75 0.16
C GLY A 350 1.40 9.76 0.97
N LYS A 351 2.04 10.39 1.96
CA LYS A 351 1.41 11.40 2.85
C LYS A 351 0.95 12.59 2.00
N LYS A 352 1.86 13.16 1.21
CA LYS A 352 1.54 14.34 0.38
C LYS A 352 0.37 14.04 -0.57
N HIS A 353 0.39 12.89 -1.24
CA HIS A 353 -0.68 12.47 -2.21
C HIS A 353 -2.05 12.48 -1.53
N ALA A 354 -2.15 11.89 -0.33
CA ALA A 354 -3.39 11.79 0.46
C ALA A 354 -3.79 13.16 1.02
N GLU A 355 -2.85 13.95 1.53
CA GLU A 355 -3.09 15.31 2.09
C GLU A 355 -3.77 16.17 1.03
N ILE A 356 -3.21 16.18 -0.18
CA ILE A 356 -3.69 17.02 -1.32
C ILE A 356 -5.09 16.58 -1.74
N ALA A 357 -5.35 15.27 -1.88
CA ALA A 357 -6.68 14.76 -2.29
C ALA A 357 -7.72 15.24 -1.28
N ILE A 358 -7.42 15.10 0.01
CA ILE A 358 -8.38 15.47 1.10
C ILE A 358 -8.60 17.00 1.07
N GLU A 359 -7.52 17.75 0.87
CA GLU A 359 -7.55 19.24 0.75
C GLU A 359 -8.47 19.68 -0.40
N VAL A 360 -8.33 19.07 -1.57
CA VAL A 360 -9.08 19.47 -2.80
C VAL A 360 -10.54 19.04 -2.60
N LEU A 361 -10.79 17.86 -2.03
CA LEU A 361 -12.18 17.37 -1.80
C LEU A 361 -12.89 18.29 -0.78
N LEU A 362 -12.22 18.68 0.32
CA LEU A 362 -12.81 19.59 1.34
C LEU A 362 -13.14 20.93 0.69
N GLU A 363 -12.25 21.47 -0.14
CA GLU A 363 -12.44 22.78 -0.81
C GLU A 363 -13.56 22.71 -1.87
N ARG A 364 -13.58 21.69 -2.74
CA ARG A 364 -14.46 21.68 -3.94
C ARG A 364 -15.71 20.83 -3.71
N MET A 365 -15.71 19.92 -2.73
CA MET A 365 -16.86 19.02 -2.46
C MET A 365 -17.07 18.89 -0.96
N PRO A 366 -17.34 20.00 -0.24
CA PRO A 366 -17.48 19.95 1.22
C PRO A 366 -18.66 19.09 1.71
N GLY A 367 -19.70 18.86 0.91
CA GLY A 367 -20.87 18.02 1.27
C GLY A 367 -20.71 16.55 0.88
N LEU A 368 -19.48 16.10 0.59
CA LEU A 368 -19.20 14.69 0.24
C LEU A 368 -19.86 13.76 1.26
N ARG A 369 -20.64 12.78 0.81
CA ARG A 369 -21.22 11.75 1.71
C ARG A 369 -21.39 10.46 0.90
N LEU A 370 -21.67 9.36 1.59
CA LEU A 370 -21.91 8.06 0.89
C LEU A 370 -23.27 8.13 0.20
N ALA A 371 -23.41 7.56 -0.98
CA ALA A 371 -24.64 7.61 -1.79
C ALA A 371 -25.47 6.33 -1.58
N VAL A 372 -24.98 5.41 -0.77
CA VAL A 372 -25.61 4.08 -0.55
C VAL A 372 -25.51 3.79 0.93
N PRO A 373 -26.37 2.88 1.46
CA PRO A 373 -26.17 2.34 2.81
C PRO A 373 -24.81 1.64 2.85
N VAL A 374 -24.08 1.79 3.96
CA VAL A 374 -22.72 1.18 4.13
C VAL A 374 -22.79 -0.32 3.82
N GLU A 375 -23.86 -1.03 4.20
CA GLU A 375 -23.99 -2.51 4.00
C GLU A 375 -24.03 -2.86 2.50
N GLN A 376 -24.31 -1.91 1.59
CA GLN A 376 -24.40 -2.15 0.12
C GLN A 376 -23.04 -2.02 -0.55
N LEU A 377 -21.99 -1.64 0.18
CA LEU A 377 -20.61 -1.70 -0.38
C LEU A 377 -20.25 -3.16 -0.68
N VAL A 378 -19.51 -3.37 -1.77
CA VAL A 378 -19.04 -4.71 -2.18
C VAL A 378 -17.54 -4.80 -1.86
N TRP A 379 -17.18 -5.57 -0.83
CA TRP A 379 -15.77 -5.69 -0.37
C TRP A 379 -15.02 -6.73 -1.20
N ARG A 380 -13.93 -6.32 -1.85
CA ARG A 380 -13.05 -7.24 -2.63
C ARG A 380 -12.53 -8.33 -1.70
N THR A 381 -12.67 -9.59 -2.11
CA THR A 381 -12.23 -10.78 -1.31
C THR A 381 -10.85 -11.28 -1.78
N ARG A 382 -10.08 -11.90 -0.89
CA ARG A 382 -8.83 -12.63 -1.22
C ARG A 382 -7.86 -11.72 -1.99
N PHE A 383 -7.65 -10.53 -1.43
CA PHE A 383 -6.83 -9.46 -2.05
C PHE A 383 -5.95 -8.85 -0.96
N MET A 384 -4.80 -8.32 -1.34
CA MET A 384 -3.82 -7.76 -0.36
C MET A 384 -4.43 -6.56 0.38
N LYS A 385 -5.38 -5.87 -0.25
CA LYS A 385 -6.03 -4.67 0.33
C LYS A 385 -7.50 -4.97 0.61
N ARG A 386 -8.07 -4.29 1.61
CA ARG A 386 -9.54 -4.19 1.74
C ARG A 386 -9.89 -2.95 0.93
N ILE A 387 -10.73 -3.11 -0.08
CA ILE A 387 -11.30 -1.95 -0.82
C ILE A 387 -12.70 -2.30 -1.27
N PRO A 388 -13.58 -1.27 -1.30
CA PRO A 388 -14.93 -1.46 -1.82
C PRO A 388 -14.74 -1.40 -3.35
N GLU A 389 -15.40 -2.28 -4.08
CA GLU A 389 -15.25 -2.35 -5.56
C GLU A 389 -15.61 -0.98 -6.15
N ARG A 390 -16.68 -0.39 -5.59
CA ARG A 390 -17.16 0.98 -5.86
C ARG A 390 -17.32 1.74 -4.54
N LEU A 391 -17.07 3.05 -4.55
CA LEU A 391 -17.31 3.93 -3.39
C LEU A 391 -18.31 4.99 -3.86
N PRO A 392 -19.61 4.66 -3.92
CA PRO A 392 -20.63 5.57 -4.46
C PRO A 392 -20.84 6.73 -3.48
N ILE A 393 -20.57 7.95 -3.96
CA ILE A 393 -20.70 9.17 -3.13
C ILE A 393 -21.69 10.13 -3.78
N ALA A 394 -22.31 10.96 -2.93
CA ALA A 394 -23.13 12.11 -3.34
C ALA A 394 -22.60 13.34 -2.61
N TRP A 395 -23.17 14.46 -3.02
CA TRP A 395 -22.93 15.82 -2.53
C TRP A 395 -24.13 16.66 -3.01
#